data_5UEK
#
_entry.id   5UEK
#
_cell.length_a   43.175
_cell.length_b   142.932
_cell.length_c   49.401
_cell.angle_alpha   90.00
_cell.angle_beta   98.80
_cell.angle_gamma   90.00
#
_symmetry.space_group_name_H-M   'P 1 21 1'
#
loop_
_entity.id
_entity.type
_entity.pdbx_description
1 polymer 'Histone chaperone ASF1'
2 polymer 'Fab 12E Heavy Chain'
3 polymer 'Fab 12E Light Chain'
4 water water
#
loop_
_entity_poly.entity_id
_entity_poly.type
_entity_poly.pdbx_seq_one_letter_code
_entity_poly.pdbx_strand_id
1 'polypeptide(L)'
;GSIVSLLGIKVLNNPAKFTDPYEFEITFECLESLKHDLEWKLTYVGSSRSLDHDQELDSILVGPVPVGVNKFVFSADPPS
AELIPASELVSVTVILLSCSYDGREFVRVGYYVNNEYDEEELRENPPAKVQVDHIVRNILAEKPRVTRFNIVWD
;
A
2 'polypeptide(L)'
;EISEVQLVESGGGLVQPGGSLRLSCAASGFNVSYYSIHWVRQAPGKGLEWVASIYPYSGSTSYADSVKGRFTISADTSKN
TAYLQMNSLRAEDTAVYYCARGYGWALDYWGQGTLVTVFNQIKGPSVFPLAPSSKSTSGGTAALGCLVKDYFPEPVTVSW
NSGALTSGVHTFPAVLQSSGLYSLSSVVTVPSSSLGTQTYICNVNHKPSNTKVDKKVEPKSCDKTHT
;
H
3 'polypeptide(L)'
;SDIQMTQSPSSLSASVGDRVTITCRASQSVSSAVAWYQQKPGKAPKLLIYSASSLYSGVPSRFSGSRSGTDFTLTISSLQ
PEDFATYYCQQDGWSLITFGQGTKVEIKRTVAAPSVFIFPPSDSQLKSGTASVVCLLNNFYPREAKVQWKVDNALQSGNS
QESVTEQDSKDSTYSLSSTLTLSKADYEKHKVYACEVTHQGLSSPVTKSFNRGEC
;
L
#
# COMPACT_ATOMS: atom_id res chain seq x y z
N SER A 2 -11.72 13.58 -26.04
CA SER A 2 -13.08 13.42 -25.53
C SER A 2 -13.91 14.66 -25.81
N ILE A 3 -14.93 14.50 -26.65
CA ILE A 3 -15.64 15.65 -27.20
C ILE A 3 -16.60 16.27 -26.18
N VAL A 4 -17.21 15.45 -25.32
CA VAL A 4 -18.16 15.95 -24.33
C VAL A 4 -17.54 15.75 -22.94
N SER A 5 -17.60 16.79 -22.12
CA SER A 5 -17.06 16.71 -20.77
C SER A 5 -18.03 17.34 -19.78
N LEU A 6 -18.01 16.80 -18.56
CA LEU A 6 -18.88 17.25 -17.48
C LEU A 6 -18.25 18.44 -16.76
N LEU A 7 -18.90 19.60 -16.84
CA LEU A 7 -18.40 20.79 -16.17
C LEU A 7 -18.97 21.00 -14.77
N GLY A 8 -20.09 20.36 -14.46
CA GLY A 8 -20.64 20.45 -13.11
C GLY A 8 -21.90 19.64 -12.96
N ILE A 9 -22.19 19.17 -11.75
CA ILE A 9 -23.43 18.48 -11.44
C ILE A 9 -23.94 18.98 -10.11
N LYS A 10 -25.18 19.45 -10.10
CA LYS A 10 -25.85 19.96 -8.91
C LYS A 10 -27.10 19.13 -8.68
N VAL A 11 -27.20 18.51 -7.51
CA VAL A 11 -28.45 17.90 -7.08
C VAL A 11 -29.34 18.99 -6.53
N LEU A 12 -30.49 19.22 -7.16
CA LEU A 12 -31.28 20.40 -6.83
C LEU A 12 -32.12 20.20 -5.59
N ASN A 13 -32.57 18.97 -5.32
CA ASN A 13 -33.53 18.69 -4.25
C ASN A 13 -32.90 17.69 -3.27
N ASN A 14 -32.18 18.20 -2.27
CA ASN A 14 -31.47 17.31 -1.38
C ASN A 14 -31.29 17.95 -0.01
N PRO A 15 -31.72 17.27 1.08
CA PRO A 15 -32.35 15.95 1.08
C PRO A 15 -33.73 15.98 0.44
N ALA A 16 -34.35 14.82 0.29
CA ALA A 16 -35.68 14.75 -0.30
C ALA A 16 -36.41 13.53 0.23
N LYS A 17 -37.70 13.45 -0.07
CA LYS A 17 -38.45 12.25 0.23
C LYS A 17 -37.95 11.09 -0.63
N PHE A 18 -37.99 9.88 -0.06
CA PHE A 18 -37.63 8.69 -0.82
C PHE A 18 -38.37 8.64 -2.15
N THR A 19 -39.63 9.06 -2.17
CA THR A 19 -40.47 8.94 -3.35
C THR A 19 -40.36 10.13 -4.29
N ASP A 20 -39.57 11.14 -3.95
CA ASP A 20 -39.37 12.29 -4.82
C ASP A 20 -38.47 11.93 -6.01
N PRO A 21 -38.77 12.40 -7.21
CA PRO A 21 -37.83 12.22 -8.33
C PRO A 21 -36.49 12.88 -8.04
N TYR A 22 -35.44 12.38 -8.68
CA TYR A 22 -34.12 13.01 -8.58
C TYR A 22 -34.04 14.14 -9.58
N GLU A 23 -33.55 15.30 -9.15
CA GLU A 23 -33.40 16.45 -10.05
C GLU A 23 -31.92 16.82 -10.12
N PHE A 24 -31.30 16.51 -11.26
CA PHE A 24 -29.88 16.81 -11.49
C PHE A 24 -29.78 17.97 -12.47
N GLU A 25 -29.12 19.05 -12.06
CA GLU A 25 -28.78 20.12 -12.98
C GLU A 25 -27.37 19.84 -13.50
N ILE A 26 -27.29 19.56 -14.79
CA ILE A 26 -26.07 19.06 -15.41
C ILE A 26 -25.54 20.11 -16.37
N THR A 27 -24.26 20.45 -16.24
CA THR A 27 -23.60 21.38 -17.14
C THR A 27 -22.50 20.60 -17.84
N PHE A 28 -22.53 20.60 -19.17
CA PHE A 28 -21.51 19.90 -19.93
C PHE A 28 -21.10 20.75 -21.12
N GLU A 29 -19.90 20.49 -21.61
CA GLU A 29 -19.39 21.17 -22.79
C GLU A 29 -19.25 20.16 -23.93
N CYS A 30 -19.63 20.60 -25.13
CA CYS A 30 -19.42 19.83 -26.35
C CYS A 30 -18.52 20.63 -27.29
N LEU A 31 -17.36 20.06 -27.63
CA LEU A 31 -16.33 20.82 -28.31
C LEU A 31 -16.53 20.85 -29.82
N GLU A 32 -17.07 19.79 -30.42
CA GLU A 32 -17.24 19.69 -31.86
C GLU A 32 -18.63 19.16 -32.17
N SER A 33 -19.09 19.43 -33.39
CA SER A 33 -20.33 18.84 -33.88
C SER A 33 -20.24 17.32 -33.86
N LEU A 34 -21.31 16.68 -33.38
CA LEU A 34 -21.38 15.23 -33.25
C LEU A 34 -22.59 14.69 -34.00
N LYS A 35 -22.43 13.51 -34.61
CA LYS A 35 -23.50 12.94 -35.44
C LYS A 35 -24.65 12.40 -34.60
N HIS A 36 -24.35 11.81 -33.44
CA HIS A 36 -25.31 10.97 -32.73
C HIS A 36 -25.78 11.62 -31.42
N ASP A 37 -26.54 10.85 -30.64
CA ASP A 37 -27.21 11.34 -29.44
C ASP A 37 -26.40 11.04 -28.17
N LEU A 38 -26.65 11.86 -27.15
CA LEU A 38 -26.23 11.57 -25.78
C LEU A 38 -27.39 10.94 -25.01
N GLU A 39 -27.08 9.94 -24.19
CA GLU A 39 -28.06 9.37 -23.29
C GLU A 39 -27.59 9.54 -21.85
N TRP A 40 -28.39 10.21 -21.04
CA TRP A 40 -28.15 10.31 -19.61
C TRP A 40 -29.01 9.28 -18.91
N LYS A 41 -28.43 8.53 -17.97
CA LYS A 41 -29.13 7.42 -17.33
C LYS A 41 -28.83 7.43 -15.84
N LEU A 42 -29.83 7.10 -15.03
CA LEU A 42 -29.65 6.94 -13.59
C LEU A 42 -29.94 5.50 -13.21
N THR A 43 -29.03 4.89 -12.45
CA THR A 43 -29.18 3.51 -12.01
C THR A 43 -29.09 3.45 -10.49
N TYR A 44 -29.99 2.67 -9.88
CA TYR A 44 -29.98 2.38 -8.45
C TYR A 44 -29.21 1.09 -8.22
N VAL A 45 -28.33 1.07 -7.22
CA VAL A 45 -27.59 -0.15 -6.88
C VAL A 45 -27.75 -0.40 -5.37
N GLY A 46 -28.38 -1.51 -5.03
CA GLY A 46 -28.56 -1.92 -3.63
C GLY A 46 -27.75 -3.17 -3.33
N SER A 47 -27.12 -3.20 -2.15
CA SER A 47 -26.18 -4.26 -1.79
C SER A 47 -26.63 -5.07 -0.58
N SER A 48 -27.93 -5.09 -0.27
CA SER A 48 -28.40 -5.82 0.91
C SER A 48 -28.36 -7.33 0.73
N ARG A 49 -28.35 -7.82 -0.51
CA ARG A 49 -28.25 -9.25 -0.77
C ARG A 49 -26.79 -9.68 -0.87
N SER A 50 -26.58 -10.99 -0.97
CA SER A 50 -25.23 -11.52 -1.13
C SER A 50 -24.57 -10.97 -2.40
N LEU A 51 -25.36 -10.67 -3.43
CA LEU A 51 -24.89 -10.03 -4.64
C LEU A 51 -25.76 -8.81 -4.95
N ASP A 52 -25.27 -7.96 -5.84
CA ASP A 52 -25.93 -6.70 -6.12
C ASP A 52 -27.22 -6.91 -6.91
N HIS A 53 -28.21 -6.06 -6.64
CA HIS A 53 -29.45 -6.00 -7.40
C HIS A 53 -29.65 -4.55 -7.82
N ASP A 54 -29.71 -4.32 -9.12
CA ASP A 54 -29.77 -2.97 -9.65
C ASP A 54 -31.18 -2.67 -10.15
N GLN A 55 -31.51 -1.37 -10.17
CA GLN A 55 -32.74 -0.85 -10.76
C GLN A 55 -32.32 0.23 -11.73
N GLU A 56 -32.65 0.08 -13.01
CA GLU A 56 -32.52 1.24 -13.88
C GLU A 56 -33.71 2.14 -13.61
N LEU A 57 -33.43 3.41 -13.33
CA LEU A 57 -34.44 4.32 -12.82
C LEU A 57 -35.07 5.14 -13.92
N ASP A 58 -34.27 5.63 -14.87
CA ASP A 58 -34.75 6.59 -15.86
C ASP A 58 -33.60 6.93 -16.80
N SER A 59 -33.95 7.55 -17.91
CA SER A 59 -32.97 7.95 -18.91
C SER A 59 -33.62 9.00 -19.80
N ILE A 60 -32.78 9.81 -20.45
CA ILE A 60 -33.25 10.77 -21.44
C ILE A 60 -32.18 10.92 -22.51
N LEU A 61 -32.63 11.27 -23.71
CA LEU A 61 -31.74 11.50 -24.83
C LEU A 61 -31.59 13.00 -25.07
N VAL A 62 -30.38 13.41 -25.44
CA VAL A 62 -30.11 14.75 -25.96
C VAL A 62 -29.56 14.58 -27.36
N GLY A 63 -30.24 15.17 -28.34
CA GLY A 63 -29.82 15.08 -29.72
C GLY A 63 -30.62 16.00 -30.61
N PRO A 64 -29.93 16.73 -31.50
CA PRO A 64 -28.47 16.78 -31.67
C PRO A 64 -27.78 17.49 -30.51
N VAL A 65 -26.48 17.28 -30.34
CA VAL A 65 -25.75 17.86 -29.23
C VAL A 65 -25.34 19.29 -29.59
N PRO A 66 -25.82 20.31 -28.89
CA PRO A 66 -25.39 21.68 -29.20
C PRO A 66 -23.92 21.89 -28.85
N VAL A 67 -23.16 22.43 -29.80
CA VAL A 67 -21.77 22.77 -29.54
C VAL A 67 -21.72 23.97 -28.60
N GLY A 68 -20.82 23.88 -27.61
CA GLY A 68 -20.72 24.89 -26.58
C GLY A 68 -21.00 24.38 -25.19
N VAL A 69 -21.41 25.27 -24.28
CA VAL A 69 -21.71 24.91 -22.90
C VAL A 69 -23.23 24.75 -22.77
N ASN A 70 -23.63 23.60 -22.25
CA ASN A 70 -25.04 23.20 -22.16
C ASN A 70 -25.39 22.96 -20.70
N LYS A 71 -26.56 23.46 -20.30
CA LYS A 71 -27.07 23.25 -18.96
C LYS A 71 -28.53 22.81 -19.05
N PHE A 72 -28.87 21.71 -18.36
CA PHE A 72 -30.25 21.26 -18.35
C PHE A 72 -30.51 20.50 -17.05
N VAL A 73 -31.78 20.19 -16.81
CA VAL A 73 -32.18 19.44 -15.64
C VAL A 73 -32.68 18.08 -16.08
N PHE A 74 -32.09 17.03 -15.51
CA PHE A 74 -32.51 15.64 -15.71
C PHE A 74 -33.35 15.28 -14.49
N SER A 75 -34.65 15.04 -14.72
CA SER A 75 -35.57 14.64 -13.67
C SER A 75 -35.79 13.14 -13.80
N ALA A 76 -35.23 12.38 -12.86
CA ALA A 76 -35.27 10.93 -12.92
C ALA A 76 -36.26 10.37 -11.90
N ASP A 77 -37.08 9.41 -12.33
CA ASP A 77 -38.02 8.71 -11.47
C ASP A 77 -37.35 8.10 -10.25
N PRO A 78 -38.04 8.05 -9.12
CA PRO A 78 -37.47 7.44 -7.91
C PRO A 78 -37.45 5.92 -8.02
N PRO A 79 -36.77 5.24 -7.10
CA PRO A 79 -36.82 3.77 -7.09
C PRO A 79 -38.20 3.28 -6.69
N SER A 80 -38.50 2.05 -7.10
CA SER A 80 -39.74 1.39 -6.72
C SER A 80 -39.51 0.61 -5.43
N ALA A 81 -40.14 1.05 -4.34
CA ALA A 81 -39.98 0.35 -3.08
C ALA A 81 -40.55 -1.05 -3.11
N GLU A 82 -41.45 -1.35 -4.07
CA GLU A 82 -41.97 -2.70 -4.21
C GLU A 82 -40.87 -3.71 -4.51
N LEU A 83 -39.75 -3.27 -5.04
CA LEU A 83 -38.64 -4.13 -5.42
C LEU A 83 -37.51 -4.13 -4.39
N ILE A 84 -37.67 -3.48 -3.26
CA ILE A 84 -36.58 -3.25 -2.33
C ILE A 84 -36.94 -3.86 -0.99
N PRO A 85 -36.13 -4.77 -0.45
CA PRO A 85 -36.37 -5.27 0.91
C PRO A 85 -36.32 -4.12 1.91
N ALA A 86 -37.10 -4.28 2.98
CA ALA A 86 -37.25 -3.21 3.97
C ALA A 86 -35.90 -2.78 4.55
N SER A 87 -35.01 -3.73 4.84
CA SER A 87 -33.73 -3.38 5.45
C SER A 87 -32.91 -2.49 4.53
N GLU A 88 -33.07 -2.64 3.22
CA GLU A 88 -32.33 -1.84 2.27
C GLU A 88 -32.95 -0.46 2.09
N LEU A 89 -34.26 -0.35 2.32
CA LEU A 89 -34.93 0.95 2.30
C LEU A 89 -34.36 1.93 3.31
N VAL A 90 -33.76 1.43 4.40
CA VAL A 90 -33.27 2.31 5.45
C VAL A 90 -31.76 2.13 5.61
N SER A 91 -31.06 1.89 4.50
CA SER A 91 -29.63 1.64 4.57
C SER A 91 -28.92 2.55 3.56
N VAL A 92 -27.59 2.45 3.55
CA VAL A 92 -26.79 3.22 2.61
C VAL A 92 -26.76 2.50 1.27
N THR A 93 -27.10 3.21 0.20
CA THR A 93 -27.09 2.63 -1.14
C THR A 93 -26.31 3.55 -2.08
N VAL A 94 -26.34 3.25 -3.38
CA VAL A 94 -25.58 3.98 -4.39
C VAL A 94 -26.50 4.29 -5.57
N ILE A 95 -26.27 5.45 -6.22
CA ILE A 95 -26.84 5.72 -7.53
C ILE A 95 -25.71 6.05 -8.48
N LEU A 96 -25.88 5.65 -9.74
CA LEU A 96 -24.92 5.91 -10.80
C LEU A 96 -25.58 6.75 -11.88
N LEU A 97 -25.03 7.93 -12.10
CA LEU A 97 -25.48 8.82 -13.17
C LEU A 97 -24.48 8.71 -14.31
N SER A 98 -24.92 8.19 -15.46
CA SER A 98 -24.00 7.96 -16.56
C SER A 98 -24.43 8.72 -17.80
N CYS A 99 -23.46 9.03 -18.65
CA CYS A 99 -23.74 9.58 -19.96
C CYS A 99 -23.05 8.72 -21.00
N SER A 100 -23.78 8.40 -22.06
CA SER A 100 -23.24 7.61 -23.15
C SER A 100 -23.40 8.38 -24.44
N TYR A 101 -22.47 8.16 -25.38
CA TYR A 101 -22.58 8.75 -26.71
C TYR A 101 -22.72 7.62 -27.71
N ASP A 102 -23.81 7.64 -28.49
CA ASP A 102 -24.08 6.59 -29.48
C ASP A 102 -23.98 5.21 -28.83
N GLY A 103 -24.39 5.13 -27.58
CA GLY A 103 -24.41 3.88 -26.82
C GLY A 103 -23.15 3.59 -26.02
N ARG A 104 -22.15 4.45 -26.08
CA ARG A 104 -20.85 4.19 -25.46
C ARG A 104 -20.69 5.05 -24.22
N GLU A 105 -20.65 4.40 -23.05
CA GLU A 105 -20.56 5.14 -21.79
C GLU A 105 -19.18 5.79 -21.68
N PHE A 106 -19.15 7.12 -21.51
CA PHE A 106 -17.89 7.84 -21.34
C PHE A 106 -17.72 8.55 -20.00
N VAL A 107 -18.77 8.77 -19.22
CA VAL A 107 -18.59 9.29 -17.87
C VAL A 107 -19.67 8.71 -16.95
N ARG A 108 -19.28 8.44 -15.72
CA ARG A 108 -20.18 7.89 -14.71
C ARG A 108 -19.94 8.63 -13.41
N VAL A 109 -21.00 9.16 -12.80
CA VAL A 109 -20.90 9.89 -11.55
C VAL A 109 -21.62 9.05 -10.50
N GLY A 110 -20.88 8.52 -9.53
CA GLY A 110 -21.46 7.70 -8.48
C GLY A 110 -21.65 8.50 -7.21
N TYR A 111 -22.76 8.22 -6.51
CA TYR A 111 -23.07 8.86 -5.25
C TYR A 111 -23.44 7.83 -4.20
N TYR A 112 -22.95 8.04 -2.99
CA TYR A 112 -23.55 7.39 -1.84
C TYR A 112 -24.86 8.08 -1.47
N VAL A 113 -25.80 7.30 -0.98
CA VAL A 113 -27.11 7.79 -0.54
C VAL A 113 -27.42 7.14 0.79
N ASN A 114 -27.78 7.96 1.77
CA ASN A 114 -28.24 7.46 3.06
C ASN A 114 -29.74 7.64 3.15
N ASN A 115 -30.40 6.68 3.78
CA ASN A 115 -31.84 6.71 3.93
C ASN A 115 -32.18 6.55 5.40
N GLU A 116 -33.00 7.45 5.92
CA GLU A 116 -33.29 7.48 7.35
C GLU A 116 -34.67 8.07 7.53
N TYR A 117 -35.29 7.73 8.66
CA TYR A 117 -36.59 8.31 8.99
C TYR A 117 -36.44 9.79 9.36
N ASP A 118 -37.51 10.55 9.14
CA ASP A 118 -37.45 11.99 9.39
C ASP A 118 -37.75 12.37 10.84
N GLU A 119 -38.08 11.43 11.72
CA GLU A 119 -38.39 11.74 13.10
C GLU A 119 -37.56 10.85 14.01
N GLU A 120 -36.99 11.47 15.06
CA GLU A 120 -36.06 10.75 15.93
C GLU A 120 -36.70 9.50 16.53
N GLU A 121 -37.99 9.56 16.85
CA GLU A 121 -38.64 8.41 17.48
C GLU A 121 -38.78 7.23 16.54
N LEU A 122 -38.95 7.47 15.24
CA LEU A 122 -38.93 6.37 14.29
C LEU A 122 -37.52 5.89 14.01
N ARG A 123 -36.53 6.79 14.06
CA ARG A 123 -35.15 6.36 13.82
C ARG A 123 -34.69 5.38 14.91
N GLU A 124 -35.08 5.62 16.16
CA GLU A 124 -34.65 4.78 17.28
C GLU A 124 -35.64 3.67 17.62
N ASN A 125 -36.89 3.78 17.20
CA ASN A 125 -37.87 2.70 17.33
C ASN A 125 -38.50 2.44 15.97
N PRO A 126 -37.72 1.91 15.02
CA PRO A 126 -38.26 1.70 13.66
C PRO A 126 -39.46 0.76 13.69
N PRO A 127 -40.56 1.14 13.04
CA PRO A 127 -41.77 0.31 13.08
C PRO A 127 -41.53 -1.04 12.43
N ALA A 128 -42.42 -1.98 12.74
CA ALA A 128 -42.35 -3.31 12.15
C ALA A 128 -42.43 -3.21 10.63
N LYS A 129 -43.46 -2.56 10.12
CA LYS A 129 -43.61 -2.30 8.68
C LYS A 129 -42.97 -0.96 8.35
N VAL A 130 -42.11 -0.95 7.33
CA VAL A 130 -41.42 0.27 6.94
C VAL A 130 -42.43 1.31 6.47
N GLN A 131 -42.20 2.56 6.85
CA GLN A 131 -43.07 3.68 6.50
C GLN A 131 -42.33 4.55 5.49
N VAL A 132 -42.47 4.22 4.20
CA VAL A 132 -41.74 4.91 3.14
C VAL A 132 -42.06 6.40 3.13
N ASP A 133 -43.27 6.78 3.56
CA ASP A 133 -43.66 8.17 3.60
C ASP A 133 -42.83 9.00 4.57
N HIS A 134 -42.11 8.36 5.49
CA HIS A 134 -41.26 9.06 6.45
C HIS A 134 -39.78 8.92 6.17
N ILE A 135 -39.40 8.18 5.12
CA ILE A 135 -38.00 8.03 4.76
C ILE A 135 -37.54 9.26 4.00
N VAL A 136 -36.41 9.81 4.41
CA VAL A 136 -35.77 10.92 3.73
C VAL A 136 -34.45 10.40 3.20
N ARG A 137 -34.16 10.67 1.94
CA ARG A 137 -32.90 10.27 1.35
C ARG A 137 -31.97 11.47 1.33
N ASN A 138 -30.71 11.22 1.66
CA ASN A 138 -29.69 12.25 1.70
C ASN A 138 -28.55 11.80 0.79
N ILE A 139 -28.48 12.38 -0.40
CA ILE A 139 -27.39 12.05 -1.32
C ILE A 139 -26.13 12.79 -0.86
N LEU A 140 -25.01 12.06 -0.83
CA LEU A 140 -23.71 12.67 -0.53
C LEU A 140 -23.23 13.37 -1.80
N ALA A 141 -23.91 14.46 -2.13
CA ALA A 141 -23.77 15.08 -3.44
C ALA A 141 -22.47 15.85 -3.60
N GLU A 142 -21.83 16.22 -2.51
CA GLU A 142 -20.58 16.99 -2.61
C GLU A 142 -19.35 16.09 -2.68
N LYS A 143 -19.51 14.78 -2.61
CA LYS A 143 -18.40 13.83 -2.79
C LYS A 143 -18.68 12.85 -3.93
N PRO A 144 -18.89 13.34 -5.14
CA PRO A 144 -19.16 12.43 -6.27
C PRO A 144 -17.94 11.58 -6.58
N ARG A 145 -18.19 10.30 -6.93
CA ARG A 145 -17.15 9.35 -7.35
C ARG A 145 -17.27 9.20 -8.86
N VAL A 146 -16.38 9.89 -9.59
CA VAL A 146 -16.51 10.01 -11.03
C VAL A 146 -15.55 9.06 -11.74
N THR A 147 -16.08 8.33 -12.72
CA THR A 147 -15.26 7.48 -13.60
C THR A 147 -15.40 7.96 -15.03
N ARG A 148 -14.27 8.08 -15.72
CA ARG A 148 -14.29 8.38 -17.15
C ARG A 148 -13.81 7.17 -17.94
N PHE A 149 -14.35 7.03 -19.15
CA PHE A 149 -13.99 5.97 -20.07
C PHE A 149 -13.65 6.58 -21.42
N ASN A 150 -12.53 6.12 -22.00
N ASN A 150 -12.55 6.11 -22.00
CA ASN A 150 -12.15 6.54 -23.34
CA ASN A 150 -12.16 6.54 -23.34
C ASN A 150 -13.03 5.83 -24.37
C ASN A 150 -13.02 5.83 -24.37
N ILE A 151 -13.68 6.60 -25.23
CA ILE A 151 -14.56 6.03 -26.24
C ILE A 151 -14.21 6.55 -27.63
N VAL A 152 -14.64 5.78 -28.62
CA VAL A 152 -14.73 6.29 -29.99
C VAL A 152 -15.86 7.30 -30.05
N TRP A 153 -15.58 8.45 -30.66
CA TRP A 153 -16.65 9.43 -30.85
C TRP A 153 -17.16 9.30 -32.27
N ASP A 154 -16.71 10.15 -33.19
CA ASP A 154 -17.12 10.01 -34.59
C ASP A 154 -15.96 9.57 -35.48
N GLU B 4 -0.18 9.67 -21.00
CA GLU B 4 0.19 11.06 -20.74
C GLU B 4 -0.24 11.51 -19.34
N VAL B 5 -0.98 10.68 -18.62
CA VAL B 5 -1.40 11.03 -17.26
C VAL B 5 -0.23 10.81 -16.32
N GLN B 6 0.03 11.78 -15.45
CA GLN B 6 1.11 11.68 -14.48
C GLN B 6 0.76 12.48 -13.24
N LEU B 7 1.19 11.98 -12.09
CA LEU B 7 1.14 12.72 -10.83
C LEU B 7 2.54 12.68 -10.25
N VAL B 8 3.04 13.84 -9.81
CA VAL B 8 4.42 13.93 -9.34
C VAL B 8 4.41 14.61 -7.98
N GLU B 9 4.79 13.86 -6.95
CA GLU B 9 4.82 14.38 -5.59
C GLU B 9 6.14 15.06 -5.31
N SER B 10 6.09 16.13 -4.53
CA SER B 10 7.29 16.78 -4.03
C SER B 10 7.03 17.35 -2.64
N GLY B 11 8.10 17.82 -2.00
CA GLY B 11 8.01 18.45 -0.71
C GLY B 11 8.41 17.59 0.48
N GLY B 12 8.66 16.30 0.26
CA GLY B 12 9.12 15.46 1.37
C GLY B 12 10.48 15.90 1.87
N GLY B 13 10.72 15.67 3.15
CA GLY B 13 12.03 15.95 3.70
C GLY B 13 12.09 15.56 5.16
N LEU B 14 13.21 15.87 5.79
CA LEU B 14 13.41 15.61 7.21
C LEU B 14 12.79 16.73 8.02
N VAL B 15 12.07 16.37 9.09
CA VAL B 15 11.39 17.33 9.93
C VAL B 15 11.31 16.76 11.34
N GLN B 16 11.29 17.62 12.31
CA GLN B 16 11.22 17.19 13.69
C GLN B 16 9.78 17.15 14.19
N PRO B 17 9.50 16.36 15.23
CA PRO B 17 8.15 16.33 15.78
C PRO B 17 7.67 17.71 16.19
N GLY B 18 6.39 17.96 15.92
CA GLY B 18 5.84 19.29 16.09
C GLY B 18 6.04 20.20 14.91
N GLY B 19 6.92 19.82 13.99
CA GLY B 19 7.20 20.59 12.80
C GLY B 19 6.13 20.38 11.74
N SER B 20 6.41 20.91 10.56
CA SER B 20 5.43 20.83 9.48
C SER B 20 6.11 20.68 8.12
N LEU B 21 5.33 20.20 7.16
CA LEU B 21 5.76 20.08 5.77
C LEU B 21 4.55 20.30 4.89
N ARG B 22 4.76 20.82 3.68
CA ARG B 22 3.70 20.93 2.69
C ARG B 22 4.07 20.11 1.47
N LEU B 23 3.30 19.05 1.20
CA LEU B 23 3.51 18.20 0.03
C LEU B 23 2.74 18.73 -1.16
N SER B 24 3.30 18.52 -2.35
CA SER B 24 2.67 18.99 -3.58
C SER B 24 2.46 17.81 -4.51
N CYS B 25 1.33 17.83 -5.23
CA CYS B 25 0.99 16.77 -6.18
C CYS B 25 0.69 17.46 -7.51
N ALA B 26 1.66 17.44 -8.42
CA ALA B 26 1.52 18.12 -9.70
C ALA B 26 0.85 17.18 -10.69
N ALA B 27 -0.34 17.54 -11.14
CA ALA B 27 -1.10 16.73 -12.08
C ALA B 27 -0.70 17.08 -13.50
N SER B 28 -0.55 16.05 -14.33
CA SER B 28 -0.29 16.20 -15.75
C SER B 28 -1.25 15.32 -16.55
N GLY B 29 -1.77 15.86 -17.66
CA GLY B 29 -2.65 15.13 -18.53
C GLY B 29 -4.12 15.17 -18.17
N PHE B 30 -4.50 15.92 -17.12
CA PHE B 30 -5.88 16.04 -16.68
C PHE B 30 -5.97 17.22 -15.72
N ASN B 31 -7.19 17.72 -15.56
CA ASN B 31 -7.47 18.87 -14.69
C ASN B 31 -7.89 18.38 -13.32
N VAL B 32 -7.18 18.80 -12.27
CA VAL B 32 -7.48 18.32 -10.92
C VAL B 32 -8.90 18.67 -10.48
N SER B 33 -9.50 19.72 -11.06
CA SER B 33 -10.82 20.13 -10.62
C SER B 33 -11.92 19.15 -11.01
N TYR B 34 -11.65 18.21 -11.91
CA TYR B 34 -12.66 17.30 -12.42
C TYR B 34 -12.50 15.87 -11.92
N TYR B 35 -11.46 15.59 -11.12
CA TYR B 35 -11.17 14.28 -10.56
C TYR B 35 -10.99 14.43 -9.05
N SER B 36 -11.22 13.34 -8.31
CA SER B 36 -10.84 13.35 -6.91
C SER B 36 -9.36 13.03 -6.80
N ILE B 37 -8.72 13.57 -5.75
CA ILE B 37 -7.29 13.41 -5.52
C ILE B 37 -7.10 12.92 -4.09
N HIS B 38 -6.14 12.02 -3.89
CA HIS B 38 -6.00 11.32 -2.62
C HIS B 38 -4.54 11.20 -2.24
N TRP B 39 -4.30 11.29 -0.93
CA TRP B 39 -2.99 11.05 -0.37
C TRP B 39 -3.03 9.74 0.40
N VAL B 40 -2.07 8.85 0.12
CA VAL B 40 -1.95 7.54 0.74
C VAL B 40 -0.49 7.36 1.11
N ARG B 41 -0.22 6.91 2.33
CA ARG B 41 1.16 6.80 2.79
C ARG B 41 1.52 5.35 3.07
N GLN B 42 2.82 5.07 3.06
CA GLN B 42 3.33 3.72 3.31
C GLN B 42 4.60 3.81 4.15
N ALA B 43 4.55 3.28 5.36
CA ALA B 43 5.74 3.20 6.18
C ALA B 43 6.65 2.09 5.67
N PRO B 44 7.97 2.22 5.86
CA PRO B 44 8.90 1.22 5.34
C PRO B 44 8.54 -0.19 5.82
N GLY B 45 8.38 -1.09 4.85
CA GLY B 45 8.01 -2.47 5.14
C GLY B 45 6.60 -2.69 5.62
N LYS B 46 5.75 -1.66 5.60
CA LYS B 46 4.39 -1.75 6.11
C LYS B 46 3.41 -1.56 4.96
N GLY B 47 2.12 -1.50 5.29
CA GLY B 47 1.07 -1.47 4.29
C GLY B 47 0.64 -0.05 3.91
N LEU B 48 -0.36 0.01 3.02
CA LEU B 48 -0.92 1.28 2.57
C LEU B 48 -1.87 1.84 3.62
N GLU B 49 -1.80 3.15 3.85
CA GLU B 49 -2.66 3.80 4.84
C GLU B 49 -3.15 5.10 4.23
N TRP B 50 -4.46 5.16 3.96
CA TRP B 50 -5.07 6.37 3.42
C TRP B 50 -4.97 7.53 4.40
N VAL B 51 -4.69 8.71 3.85
CA VAL B 51 -4.50 9.94 4.62
C VAL B 51 -5.66 10.90 4.40
N ALA B 52 -5.96 11.25 3.14
CA ALA B 52 -6.91 12.33 2.87
C ALA B 52 -7.39 12.24 1.45
N SER B 53 -8.57 12.82 1.20
CA SER B 53 -9.20 12.85 -0.13
C SER B 53 -9.83 14.22 -0.36
N ILE B 54 -9.80 14.68 -1.61
CA ILE B 54 -10.54 15.88 -2.00
C ILE B 54 -11.34 15.57 -3.26
N TYR B 55 -12.56 16.12 -3.33
CA TYR B 55 -13.47 15.69 -4.37
C TYR B 55 -13.72 16.81 -5.39
N PRO B 56 -14.04 16.44 -6.62
CA PRO B 56 -14.17 17.45 -7.70
C PRO B 56 -15.46 18.27 -7.55
N TYR B 57 -15.48 19.38 -8.30
CA TYR B 57 -16.62 20.30 -8.45
C TYR B 57 -16.90 21.12 -7.19
N SER B 58 -16.68 20.57 -6.00
CA SER B 58 -16.95 21.34 -4.79
C SER B 58 -15.75 21.47 -3.85
N GLY B 59 -14.69 20.69 -4.05
CA GLY B 59 -13.57 20.76 -3.14
C GLY B 59 -13.84 20.20 -1.76
N SER B 60 -14.87 19.36 -1.62
CA SER B 60 -15.14 18.71 -0.34
C SER B 60 -14.04 17.71 0.02
N THR B 61 -13.83 17.49 1.33
CA THR B 61 -12.68 16.73 1.81
C THR B 61 -13.05 15.67 2.83
N SER B 62 -12.18 14.65 2.93
CA SER B 62 -12.26 13.59 3.93
C SER B 62 -10.87 13.30 4.47
N TYR B 63 -10.80 12.87 5.74
CA TYR B 63 -9.53 12.67 6.43
C TYR B 63 -9.56 11.41 7.30
N ALA B 64 -8.41 10.74 7.36
CA ALA B 64 -8.25 9.66 8.31
C ALA B 64 -8.31 10.20 9.73
N ASP B 65 -8.85 9.39 10.64
CA ASP B 65 -9.03 9.86 12.02
C ASP B 65 -7.71 10.32 12.61
N SER B 66 -6.62 9.63 12.30
CA SER B 66 -5.37 9.91 12.99
C SER B 66 -4.66 11.16 12.47
N VAL B 67 -5.16 11.77 11.40
CA VAL B 67 -4.61 13.03 10.92
C VAL B 67 -5.59 14.18 10.99
N LYS B 68 -6.86 13.94 11.32
CA LYS B 68 -7.84 15.01 11.37
C LYS B 68 -7.40 16.08 12.37
N GLY B 69 -7.56 17.34 11.99
CA GLY B 69 -7.09 18.46 12.79
C GLY B 69 -5.64 18.81 12.59
N ARG B 70 -4.86 17.94 11.96
CA ARG B 70 -3.42 18.09 11.73
C ARG B 70 -3.05 18.31 10.27
N PHE B 71 -3.67 17.54 9.36
CA PHE B 71 -3.38 17.63 7.93
C PHE B 71 -4.55 18.33 7.23
N THR B 72 -4.22 19.07 6.17
CA THR B 72 -5.23 19.66 5.30
C THR B 72 -4.89 19.38 3.85
N ILE B 73 -5.87 18.86 3.10
CA ILE B 73 -5.72 18.61 1.66
C ILE B 73 -6.45 19.73 0.92
N SER B 74 -5.88 20.18 -0.18
CA SER B 74 -6.49 21.22 -1.00
C SER B 74 -6.02 21.07 -2.43
N ALA B 75 -6.63 21.84 -3.33
CA ALA B 75 -6.18 21.85 -4.71
C ALA B 75 -6.31 23.24 -5.28
N ASP B 76 -5.32 23.64 -6.08
CA ASP B 76 -5.33 24.89 -6.83
C ASP B 76 -5.62 24.55 -8.29
N THR B 77 -6.82 24.90 -8.75
CA THR B 77 -7.19 24.59 -10.13
C THR B 77 -6.34 25.34 -11.13
N SER B 78 -6.00 26.60 -10.82
CA SER B 78 -5.20 27.39 -11.75
C SER B 78 -3.82 26.78 -11.96
N LYS B 79 -3.20 26.26 -10.91
CA LYS B 79 -1.90 25.61 -11.00
C LYS B 79 -1.99 24.12 -11.33
N ASN B 80 -3.19 23.55 -11.29
CA ASN B 80 -3.42 22.12 -11.54
C ASN B 80 -2.58 21.24 -10.62
N THR B 81 -2.58 21.61 -9.34
CA THR B 81 -1.77 20.96 -8.32
C THR B 81 -2.60 20.78 -7.05
N ALA B 82 -2.43 19.63 -6.40
CA ALA B 82 -3.04 19.34 -5.10
C ALA B 82 -1.96 19.43 -4.02
N TYR B 83 -2.40 19.64 -2.78
CA TYR B 83 -1.46 19.84 -1.68
C TYR B 83 -1.87 19.03 -0.46
N LEU B 84 -0.87 18.65 0.33
CA LEU B 84 -1.10 18.14 1.69
C LEU B 84 -0.29 18.98 2.66
N GLN B 85 -0.98 19.83 3.44
CA GLN B 85 -0.34 20.59 4.50
C GLN B 85 -0.28 19.71 5.75
N MET B 86 0.93 19.40 6.21
CA MET B 86 1.10 18.47 7.32
C MET B 86 1.59 19.24 8.54
N ASN B 87 0.71 19.45 9.51
CA ASN B 87 1.04 20.16 10.74
C ASN B 87 1.23 19.19 11.90
N SER B 88 1.96 19.66 12.92
CA SER B 88 2.10 18.92 14.19
C SER B 88 2.53 17.48 13.96
N LEU B 89 3.61 17.32 13.20
CA LEU B 89 4.03 15.99 12.77
C LEU B 89 4.49 15.14 13.96
N ARG B 90 4.34 13.82 13.82
CA ARG B 90 4.71 12.87 14.86
C ARG B 90 5.54 11.74 14.25
N ALA B 91 6.20 10.97 15.12
CA ALA B 91 6.96 9.81 14.66
C ALA B 91 6.15 8.90 13.75
N GLU B 92 4.85 8.72 14.07
CA GLU B 92 3.96 7.85 13.29
C GLU B 92 3.84 8.28 11.83
N ASP B 93 4.15 9.52 11.51
CA ASP B 93 3.93 10.06 10.18
C ASP B 93 5.03 9.72 9.18
N THR B 94 6.18 9.17 9.63
CA THR B 94 7.25 8.81 8.70
C THR B 94 6.77 7.77 7.70
N ALA B 95 6.89 8.08 6.41
CA ALA B 95 6.39 7.20 5.36
C ALA B 95 6.75 7.81 4.02
N VAL B 96 6.63 6.99 2.97
CA VAL B 96 6.46 7.50 1.62
C VAL B 96 5.02 7.95 1.45
N TYR B 97 4.82 9.16 0.96
CA TYR B 97 3.48 9.69 0.69
C TYR B 97 3.21 9.70 -0.80
N TYR B 98 2.20 8.94 -1.22
CA TYR B 98 1.76 8.86 -2.61
C TYR B 98 0.56 9.76 -2.83
N CYS B 99 0.51 10.39 -3.99
CA CYS B 99 -0.69 11.04 -4.49
C CYS B 99 -1.33 10.14 -5.53
N ALA B 100 -2.66 10.08 -5.55
CA ALA B 100 -3.34 9.16 -6.46
C ALA B 100 -4.63 9.80 -6.96
N ARG B 101 -4.95 9.50 -8.21
CA ARG B 101 -6.15 10.05 -8.85
C ARG B 101 -7.33 9.10 -8.68
N GLY B 102 -8.49 9.68 -8.37
CA GLY B 102 -9.68 8.88 -8.18
C GLY B 102 -10.19 8.33 -9.50
N TYR B 103 -10.60 7.06 -9.46
CA TYR B 103 -11.23 6.37 -10.60
C TYR B 103 -12.52 5.78 -10.01
N GLY B 104 -13.60 6.56 -10.02
CA GLY B 104 -14.78 6.12 -9.28
C GLY B 104 -14.46 6.06 -7.80
N TRP B 105 -14.74 4.91 -7.18
CA TRP B 105 -14.38 4.67 -5.79
C TRP B 105 -12.96 4.16 -5.64
N ALA B 106 -12.24 3.96 -6.75
CA ALA B 106 -10.89 3.40 -6.72
C ALA B 106 -9.87 4.50 -7.05
N LEU B 107 -8.60 4.09 -7.22
CA LEU B 107 -7.48 5.00 -7.50
C LEU B 107 -6.71 4.44 -8.69
N ASP B 108 -6.67 5.19 -9.81
CA ASP B 108 -6.03 4.58 -10.99
C ASP B 108 -4.56 4.93 -11.13
N TYR B 109 -4.20 6.20 -11.11
CA TYR B 109 -2.82 6.61 -11.34
C TYR B 109 -2.23 7.03 -10.01
N TRP B 110 -1.03 6.51 -9.72
CA TRP B 110 -0.29 6.82 -8.51
C TRP B 110 1.05 7.44 -8.91
N GLY B 111 1.49 8.42 -8.14
CA GLY B 111 2.82 8.96 -8.32
C GLY B 111 3.89 8.02 -7.77
N GLN B 112 5.14 8.47 -7.88
CA GLN B 112 6.24 7.67 -7.35
C GLN B 112 6.41 7.82 -5.85
N GLY B 113 5.80 8.83 -5.25
CA GLY B 113 5.87 9.06 -3.82
C GLY B 113 6.95 10.05 -3.45
N THR B 114 6.77 10.71 -2.30
CA THR B 114 7.81 11.54 -1.70
C THR B 114 7.99 11.13 -0.24
N LEU B 115 9.23 11.11 0.24
CA LEU B 115 9.56 10.56 1.55
C LEU B 115 9.49 11.64 2.63
N VAL B 116 8.71 11.38 3.67
CA VAL B 116 8.62 12.23 4.85
C VAL B 116 9.28 11.49 6.01
N THR B 117 10.31 12.12 6.58
CA THR B 117 11.12 11.48 7.62
C THR B 117 11.07 12.37 8.85
N VAL B 118 10.42 11.89 9.90
CA VAL B 118 10.38 12.62 11.17
C VAL B 118 11.55 12.12 12.01
N PHE B 119 12.31 13.04 12.57
CA PHE B 119 13.49 12.68 13.34
C PHE B 119 13.55 13.57 14.56
N ASN B 120 14.08 13.01 15.65
CA ASN B 120 14.40 13.81 16.82
C ASN B 120 15.83 14.31 16.73
N GLN B 121 16.78 13.40 16.57
CA GLN B 121 18.19 13.75 16.46
C GLN B 121 18.85 12.88 15.40
N ILE B 122 19.53 13.52 14.46
CA ILE B 122 20.25 12.80 13.42
C ILE B 122 21.51 12.17 14.02
N LYS B 123 21.75 10.90 13.69
CA LYS B 123 22.96 10.23 14.14
C LYS B 123 23.52 9.36 13.02
N GLY B 124 24.81 9.51 12.75
CA GLY B 124 25.47 8.72 11.75
C GLY B 124 25.80 7.34 12.29
N PRO B 125 25.97 6.37 11.40
CA PRO B 125 26.28 5.01 11.85
C PRO B 125 27.72 4.84 12.29
N SER B 126 27.91 3.88 13.19
CA SER B 126 29.20 3.23 13.38
C SER B 126 29.26 2.01 12.48
N VAL B 127 30.43 1.72 11.91
CA VAL B 127 30.59 0.60 10.99
C VAL B 127 31.67 -0.33 11.54
N PHE B 128 31.30 -1.60 11.75
CA PHE B 128 32.23 -2.59 12.28
C PHE B 128 32.37 -3.75 11.31
N PRO B 129 33.56 -4.33 11.17
CA PRO B 129 33.71 -5.49 10.29
C PRO B 129 33.03 -6.72 10.87
N LEU B 130 32.50 -7.53 9.96
CA LEU B 130 32.07 -8.91 10.23
C LEU B 130 33.13 -9.79 9.59
N ALA B 131 34.07 -10.26 10.40
CA ALA B 131 35.28 -10.87 9.86
C ALA B 131 34.96 -12.15 9.09
N PRO B 132 35.72 -12.44 8.03
CA PRO B 132 35.44 -13.63 7.21
C PRO B 132 35.35 -14.91 8.02
N SER B 133 34.36 -15.73 7.67
CA SER B 133 34.14 -17.01 8.34
C SER B 133 33.84 -18.07 7.29
N SER B 134 34.63 -19.15 7.32
CA SER B 134 34.42 -20.25 6.39
C SER B 134 33.20 -21.06 6.78
N LYS B 135 32.50 -21.56 5.76
CA LYS B 135 31.34 -22.41 6.02
C LYS B 135 31.76 -23.71 6.71
N SER B 136 32.90 -24.27 6.32
CA SER B 136 33.41 -25.50 6.91
C SER B 136 34.94 -25.46 6.92
N THR B 137 35.54 -26.52 7.47
CA THR B 137 37.00 -26.56 7.55
C THR B 137 37.64 -26.75 6.18
N SER B 138 36.92 -27.36 5.23
CA SER B 138 37.40 -27.39 3.85
C SER B 138 37.23 -26.01 3.22
N GLY B 139 37.83 -25.82 2.06
CA GLY B 139 37.86 -24.51 1.40
C GLY B 139 36.52 -23.83 1.22
N GLY B 140 35.98 -23.91 0.01
CA GLY B 140 34.60 -23.57 -0.21
C GLY B 140 34.28 -22.09 -0.14
N THR B 141 33.22 -21.78 0.58
CA THR B 141 32.64 -20.44 0.71
C THR B 141 33.03 -19.86 2.05
N ALA B 142 33.32 -18.57 2.06
CA ALA B 142 33.38 -17.80 3.29
C ALA B 142 32.35 -16.69 3.21
N ALA B 143 31.81 -16.29 4.36
CA ALA B 143 30.98 -15.10 4.43
C ALA B 143 31.70 -14.01 5.21
N LEU B 144 31.51 -12.75 4.80
CA LEU B 144 32.06 -11.61 5.50
C LEU B 144 31.05 -10.48 5.44
N GLY B 145 31.30 -9.41 6.19
CA GLY B 145 30.31 -8.35 6.12
C GLY B 145 30.72 -7.11 6.89
N CYS B 146 29.74 -6.22 7.04
CA CYS B 146 29.86 -5.00 7.84
C CYS B 146 28.59 -4.84 8.65
N LEU B 147 28.78 -4.49 9.91
CA LEU B 147 27.68 -4.13 10.80
C LEU B 147 27.57 -2.61 10.81
N VAL B 148 26.40 -2.10 10.45
CA VAL B 148 26.13 -0.67 10.29
C VAL B 148 25.13 -0.29 11.37
N LYS B 149 25.61 0.35 12.44
CA LYS B 149 24.91 0.32 13.71
C LYS B 149 24.70 1.71 14.30
N ASP B 150 23.52 1.90 14.89
CA ASP B 150 23.20 3.06 15.74
C ASP B 150 23.10 4.34 14.91
N TYR B 151 22.26 4.31 13.88
CA TYR B 151 22.06 5.50 13.06
C TYR B 151 20.57 5.88 13.02
N PHE B 152 20.33 7.14 12.64
CA PHE B 152 18.97 7.65 12.46
C PHE B 152 19.03 8.90 11.61
N PRO B 153 18.12 9.07 10.64
CA PRO B 153 17.07 8.13 10.23
C PRO B 153 17.47 7.18 9.13
N GLU B 154 16.50 6.37 8.68
CA GLU B 154 16.64 5.68 7.42
C GLU B 154 16.63 6.71 6.27
N PRO B 155 17.27 6.41 5.15
CA PRO B 155 18.02 5.20 4.83
C PRO B 155 19.53 5.36 4.86
N VAL B 156 20.21 4.24 4.70
CA VAL B 156 21.64 4.22 4.46
C VAL B 156 21.85 3.44 3.18
N THR B 157 22.89 3.78 2.44
CA THR B 157 23.25 3.01 1.26
C THR B 157 24.54 2.26 1.55
N VAL B 158 24.58 1.00 1.15
CA VAL B 158 25.76 0.17 1.35
C VAL B 158 26.14 -0.41 -0.01
N SER B 159 27.41 -0.26 -0.37
CA SER B 159 27.93 -0.97 -1.53
C SER B 159 29.19 -1.71 -1.11
N TRP B 160 29.68 -2.58 -2.00
CA TRP B 160 30.91 -3.32 -1.79
C TRP B 160 31.85 -3.03 -2.93
N ASN B 161 33.11 -2.72 -2.59
CA ASN B 161 34.14 -2.44 -3.59
C ASN B 161 33.64 -1.37 -4.59
N SER B 162 33.00 -0.32 -4.06
CA SER B 162 32.54 0.82 -4.85
C SER B 162 31.60 0.40 -5.96
N GLY B 163 30.83 -0.67 -5.74
CA GLY B 163 29.89 -1.20 -6.70
C GLY B 163 30.41 -2.29 -7.61
N ALA B 164 31.69 -2.63 -7.52
CA ALA B 164 32.26 -3.68 -8.35
C ALA B 164 31.88 -5.07 -7.87
N LEU B 165 31.47 -5.20 -6.62
CA LEU B 165 31.09 -6.49 -6.05
C LEU B 165 29.59 -6.42 -5.74
N THR B 166 28.81 -7.18 -6.52
CA THR B 166 27.38 -7.28 -6.31
C THR B 166 26.88 -8.70 -6.11
N SER B 167 27.55 -9.71 -6.70
CA SER B 167 27.05 -11.07 -6.60
C SER B 167 27.22 -11.59 -5.18
N GLY B 168 26.15 -12.19 -4.64
CA GLY B 168 26.20 -12.76 -3.31
C GLY B 168 26.03 -11.77 -2.18
N VAL B 169 25.77 -10.51 -2.48
CA VAL B 169 25.57 -9.51 -1.44
C VAL B 169 24.13 -9.59 -0.93
N HIS B 170 23.96 -9.51 0.39
CA HIS B 170 22.66 -9.34 1.04
C HIS B 170 22.79 -8.21 2.04
N THR B 171 22.12 -7.09 1.79
CA THR B 171 22.06 -6.01 2.75
C THR B 171 20.70 -6.07 3.43
N PHE B 172 20.68 -6.38 4.71
CA PHE B 172 19.43 -6.71 5.38
C PHE B 172 18.61 -5.45 5.64
N PRO B 173 17.28 -5.57 5.61
CA PRO B 173 16.44 -4.48 6.10
C PRO B 173 16.83 -4.11 7.53
N ALA B 174 16.87 -2.81 7.78
CA ALA B 174 17.23 -2.31 9.08
C ALA B 174 16.20 -2.74 10.12
N VAL B 175 16.66 -2.93 11.34
CA VAL B 175 15.77 -3.12 12.48
C VAL B 175 15.92 -1.95 13.44
N LEU B 176 14.81 -1.54 14.03
CA LEU B 176 14.82 -0.52 15.07
C LEU B 176 15.19 -1.17 16.40
N GLN B 177 16.28 -0.70 17.00
CA GLN B 177 16.68 -1.16 18.32
C GLN B 177 15.82 -0.48 19.40
N SER B 178 15.90 -0.99 20.64
CA SER B 178 15.13 -0.39 21.73
C SER B 178 15.56 1.04 21.99
N SER B 179 16.74 1.43 21.50
CA SER B 179 17.19 2.81 21.58
C SER B 179 16.46 3.75 20.62
N GLY B 180 15.66 3.23 19.69
CA GLY B 180 15.11 4.08 18.66
C GLY B 180 16.07 4.35 17.52
N LEU B 181 17.23 3.69 17.51
CA LEU B 181 18.24 3.82 16.47
C LEU B 181 18.24 2.56 15.63
N TYR B 182 18.55 2.71 14.35
CA TYR B 182 18.55 1.59 13.42
C TYR B 182 19.88 0.84 13.44
N SER B 183 19.81 -0.43 13.02
CA SER B 183 21.00 -1.25 12.81
C SER B 183 20.72 -2.26 11.69
N LEU B 184 21.77 -2.59 10.93
CA LEU B 184 21.68 -3.62 9.90
C LEU B 184 23.05 -4.23 9.68
N SER B 185 23.05 -5.41 9.06
CA SER B 185 24.28 -6.01 8.55
C SER B 185 24.18 -6.09 7.04
N SER B 186 25.31 -5.89 6.37
CA SER B 186 25.47 -6.22 4.97
C SER B 186 26.52 -7.31 4.85
N VAL B 187 26.17 -8.42 4.19
CA VAL B 187 27.06 -9.58 4.10
C VAL B 187 27.24 -9.98 2.64
N VAL B 188 28.32 -10.72 2.40
CA VAL B 188 28.60 -11.24 1.07
C VAL B 188 29.32 -12.57 1.23
N THR B 189 28.99 -13.53 0.38
CA THR B 189 29.68 -14.82 0.36
C THR B 189 30.72 -14.78 -0.76
N VAL B 190 31.93 -15.24 -0.46
CA VAL B 190 33.05 -15.11 -1.39
C VAL B 190 33.84 -16.42 -1.40
N PRO B 191 34.71 -16.64 -2.38
CA PRO B 191 35.58 -17.83 -2.35
C PRO B 191 36.59 -17.73 -1.21
N SER B 192 36.70 -18.80 -0.43
CA SER B 192 37.63 -18.76 0.68
C SER B 192 39.07 -18.61 0.18
N SER B 193 39.36 -19.10 -1.03
CA SER B 193 40.70 -18.99 -1.59
C SER B 193 41.07 -17.56 -1.99
N SER B 194 40.09 -16.67 -2.07
CA SER B 194 40.34 -15.27 -2.37
C SER B 194 40.68 -14.44 -1.15
N LEU B 195 40.51 -14.96 0.06
CA LEU B 195 40.70 -14.16 1.26
C LEU B 195 42.19 -13.81 1.41
N GLY B 196 42.45 -12.56 1.79
CA GLY B 196 43.83 -12.13 1.94
C GLY B 196 44.51 -11.74 0.65
N THR B 197 43.90 -11.97 -0.50
CA THR B 197 44.45 -11.48 -1.75
C THR B 197 43.49 -10.57 -2.50
N GLN B 198 42.18 -10.83 -2.43
CA GLN B 198 41.18 -9.87 -2.90
C GLN B 198 40.74 -8.97 -1.75
N THR B 199 40.71 -7.66 -1.99
CA THR B 199 40.29 -6.72 -0.95
C THR B 199 38.79 -6.55 -0.95
N TYR B 200 38.20 -6.52 0.25
CA TYR B 200 36.75 -6.32 0.41
C TYR B 200 36.54 -5.08 1.28
N ILE B 201 35.86 -4.08 0.72
CA ILE B 201 35.62 -2.82 1.39
C ILE B 201 34.13 -2.52 1.27
N CYS B 202 33.46 -2.32 2.41
CA CYS B 202 32.08 -1.89 2.41
C CYS B 202 32.04 -0.35 2.45
N ASN B 203 31.25 0.24 1.56
CA ASN B 203 31.13 1.69 1.44
C ASN B 203 29.76 2.08 1.96
N VAL B 204 29.74 2.88 3.02
CA VAL B 204 28.50 3.23 3.73
C VAL B 204 28.29 4.73 3.62
N ASN B 205 27.12 5.12 3.15
CA ASN B 205 26.76 6.53 3.02
C ASN B 205 25.47 6.77 3.78
N HIS B 206 25.51 7.67 4.75
CA HIS B 206 24.31 8.11 5.47
C HIS B 206 24.15 9.59 5.19
N LYS B 207 23.30 9.93 4.23
CA LYS B 207 23.22 11.33 3.79
C LYS B 207 22.76 12.30 4.87
N PRO B 208 21.77 11.98 5.72
CA PRO B 208 21.29 12.98 6.69
C PRO B 208 22.36 13.49 7.64
N SER B 209 23.36 12.68 7.95
CA SER B 209 24.49 13.09 8.78
C SER B 209 25.74 13.35 7.97
N ASN B 210 25.65 13.32 6.64
CA ASN B 210 26.82 13.42 5.76
C ASN B 210 27.94 12.49 6.23
N THR B 211 27.56 11.29 6.65
CA THR B 211 28.53 10.28 7.07
C THR B 211 28.94 9.44 5.86
N LYS B 212 30.25 9.31 5.66
CA LYS B 212 30.81 8.50 4.57
C LYS B 212 31.92 7.64 5.15
N VAL B 213 31.74 6.32 5.11
CA VAL B 213 32.67 5.40 5.73
C VAL B 213 33.00 4.30 4.73
N ASP B 214 34.30 4.04 4.55
CA ASP B 214 34.77 2.86 3.83
C ASP B 214 35.51 1.98 4.81
N LYS B 215 35.05 0.74 4.98
CA LYS B 215 35.65 -0.17 5.95
C LYS B 215 36.23 -1.37 5.22
N LYS B 216 37.54 -1.57 5.37
CA LYS B 216 38.18 -2.76 4.81
C LYS B 216 37.98 -3.93 5.75
N VAL B 217 37.54 -5.06 5.19
CA VAL B 217 37.22 -6.26 5.97
C VAL B 217 38.25 -7.32 5.64
N GLU B 218 39.13 -7.60 6.58
CA GLU B 218 40.25 -8.52 6.41
C GLU B 218 40.05 -9.79 7.23
N PRO B 219 40.67 -10.89 6.82
CA PRO B 219 40.72 -12.07 7.69
C PRO B 219 41.30 -11.70 9.05
N LYS B 220 40.78 -12.32 10.10
CA LYS B 220 41.24 -12.04 11.45
C LYS B 220 42.18 -13.14 11.95
N GLN C 4 -13.62 -0.92 8.47
CA GLN C 4 -12.68 -2.02 8.65
C GLN C 4 -12.59 -2.89 7.38
N MET C 5 -11.39 -3.35 7.07
CA MET C 5 -11.14 -4.28 5.96
C MET C 5 -10.09 -5.28 6.44
N THR C 6 -10.53 -6.48 6.75
CA THR C 6 -9.65 -7.53 7.26
C THR C 6 -9.24 -8.42 6.10
N GLN C 7 -7.95 -8.41 5.77
CA GLN C 7 -7.45 -9.16 4.63
C GLN C 7 -6.75 -10.43 5.10
N SER C 8 -7.03 -11.55 4.44
CA SER C 8 -6.40 -12.82 4.75
C SER C 8 -6.17 -13.61 3.48
N PRO C 9 -5.06 -14.38 3.39
CA PRO C 9 -4.02 -14.50 4.41
C PRO C 9 -3.03 -13.35 4.37
N SER C 10 -2.14 -13.23 5.36
CA SER C 10 -1.14 -12.18 5.26
C SER C 10 -0.04 -12.53 4.27
N SER C 11 0.19 -13.82 4.05
CA SER C 11 1.06 -14.26 2.98
C SER C 11 0.62 -15.64 2.54
N LEU C 12 0.99 -15.98 1.31
CA LEU C 12 0.77 -17.33 0.82
C LEU C 12 1.89 -17.69 -0.14
N SER C 13 2.20 -18.98 -0.17
CA SER C 13 3.23 -19.53 -1.04
C SER C 13 2.55 -20.36 -2.12
N ALA C 14 2.94 -20.15 -3.36
CA ALA C 14 2.26 -20.81 -4.46
C ALA C 14 3.21 -20.99 -5.63
N SER C 15 2.80 -21.83 -6.55
CA SER C 15 3.59 -22.21 -7.72
C SER C 15 3.02 -21.52 -8.95
N VAL C 16 3.85 -21.34 -9.96
CA VAL C 16 3.35 -20.89 -11.26
C VAL C 16 2.29 -21.86 -11.74
N GLY C 17 1.15 -21.33 -12.17
CA GLY C 17 0.03 -22.16 -12.57
C GLY C 17 -0.98 -22.45 -11.49
N ASP C 18 -0.70 -22.12 -10.23
CA ASP C 18 -1.69 -22.30 -9.18
C ASP C 18 -2.83 -21.29 -9.30
N ARG C 19 -4.04 -21.75 -8.98
CA ARG C 19 -5.17 -20.85 -8.78
C ARG C 19 -5.19 -20.41 -7.32
N VAL C 20 -5.15 -19.09 -7.08
CA VAL C 20 -5.20 -18.59 -5.71
C VAL C 20 -6.32 -17.58 -5.55
N THR C 21 -6.84 -17.50 -4.33
CA THR C 21 -7.83 -16.51 -3.96
C THR C 21 -7.36 -15.78 -2.72
N ILE C 22 -7.64 -14.49 -2.67
CA ILE C 22 -7.37 -13.64 -1.52
C ILE C 22 -8.70 -12.99 -1.14
N THR C 23 -9.02 -12.97 0.15
CA THR C 23 -10.31 -12.44 0.56
C THR C 23 -10.11 -11.29 1.52
N CYS C 24 -10.96 -10.30 1.38
CA CYS C 24 -11.07 -9.22 2.34
C CYS C 24 -12.49 -9.22 2.89
N ARG C 25 -12.61 -9.07 4.20
CA ARG C 25 -13.91 -9.00 4.84
C ARG C 25 -14.18 -7.56 5.23
N ALA C 26 -15.25 -7.00 4.70
CA ALA C 26 -15.62 -5.61 4.93
C ALA C 26 -16.66 -5.49 6.03
N SER C 27 -16.82 -4.27 6.53
CA SER C 27 -17.89 -3.97 7.47
C SER C 27 -19.18 -3.55 6.78
N GLN C 28 -19.14 -3.29 5.48
CA GLN C 28 -20.32 -2.95 4.70
C GLN C 28 -20.26 -3.71 3.38
N SER C 29 -21.42 -3.90 2.76
CA SER C 29 -21.51 -4.78 1.60
C SER C 29 -21.62 -4.02 0.28
N VAL C 30 -21.51 -2.69 0.29
CA VAL C 30 -21.66 -1.93 -0.95
C VAL C 30 -20.54 -2.31 -1.92
N SER C 31 -20.91 -2.81 -3.09
CA SER C 31 -19.94 -3.37 -4.02
C SER C 31 -19.12 -2.29 -4.74
N SER C 32 -19.73 -1.14 -5.02
CA SER C 32 -19.01 -0.06 -5.70
C SER C 32 -17.76 0.35 -4.96
N ALA C 33 -17.71 0.09 -3.65
CA ALA C 33 -16.70 0.69 -2.80
C ALA C 33 -15.37 -0.06 -2.77
N VAL C 34 -15.25 -1.24 -3.38
CA VAL C 34 -14.11 -2.12 -3.13
C VAL C 34 -13.23 -2.26 -4.37
N ALA C 35 -11.92 -2.11 -4.18
CA ALA C 35 -10.93 -2.21 -5.26
C ALA C 35 -9.78 -3.09 -4.81
N TRP C 36 -9.01 -3.60 -5.80
CA TRP C 36 -7.83 -4.41 -5.55
C TRP C 36 -6.62 -3.85 -6.28
N TYR C 37 -5.45 -3.91 -5.61
CA TYR C 37 -4.20 -3.34 -6.10
C TYR C 37 -3.08 -4.36 -5.99
N GLN C 38 -2.10 -4.24 -6.89
CA GLN C 38 -0.87 -5.01 -6.84
C GLN C 38 0.27 -4.06 -6.52
N GLN C 39 1.26 -4.51 -5.75
CA GLN C 39 2.43 -3.68 -5.52
C GLN C 39 3.67 -4.57 -5.41
N LYS C 40 4.73 -4.16 -6.08
CA LYS C 40 6.02 -4.84 -6.02
C LYS C 40 7.03 -3.97 -5.29
N PRO C 41 8.11 -4.56 -4.76
CA PRO C 41 9.07 -3.75 -3.99
C PRO C 41 9.63 -2.61 -4.82
N GLY C 42 9.71 -1.44 -4.20
CA GLY C 42 10.23 -0.25 -4.86
C GLY C 42 9.33 0.38 -5.90
N LYS C 43 8.07 -0.05 -6.03
CA LYS C 43 7.19 0.48 -7.06
C LYS C 43 5.88 0.94 -6.45
N ALA C 44 5.20 1.83 -7.16
CA ALA C 44 3.90 2.32 -6.73
C ALA C 44 2.82 1.27 -6.97
N PRO C 45 1.72 1.31 -6.21
CA PRO C 45 0.63 0.36 -6.41
C PRO C 45 0.02 0.49 -7.81
N LYS C 46 -0.58 -0.61 -8.27
CA LYS C 46 -1.25 -0.69 -9.56
C LYS C 46 -2.68 -1.17 -9.37
N LEU C 47 -3.63 -0.49 -10.02
CA LEU C 47 -5.03 -0.88 -9.93
C LEU C 47 -5.32 -2.13 -10.76
N LEU C 48 -5.97 -3.12 -10.14
CA LEU C 48 -6.39 -4.37 -10.79
C LEU C 48 -7.89 -4.43 -11.03
N ILE C 49 -8.68 -4.22 -9.99
CA ILE C 49 -10.12 -4.45 -9.99
C ILE C 49 -10.77 -3.26 -9.31
N TYR C 50 -11.88 -2.78 -9.86
CA TYR C 50 -12.65 -1.70 -9.23
C TYR C 50 -14.12 -2.10 -9.13
N SER C 51 -14.82 -1.49 -8.18
CA SER C 51 -16.24 -1.77 -7.96
C SER C 51 -16.46 -3.29 -7.83
N ALA C 52 -15.59 -3.90 -7.03
CA ALA C 52 -15.63 -5.32 -6.64
C ALA C 52 -15.30 -6.32 -7.74
N SER C 53 -15.82 -6.12 -8.96
CA SER C 53 -15.73 -7.16 -9.98
C SER C 53 -15.33 -6.66 -11.37
N SER C 54 -15.06 -5.37 -11.55
CA SER C 54 -14.72 -4.83 -12.85
C SER C 54 -13.21 -4.83 -13.05
N LEU C 55 -12.76 -5.42 -14.16
CA LEU C 55 -11.35 -5.50 -14.48
C LEU C 55 -10.87 -4.16 -15.06
N TYR C 56 -9.80 -3.62 -14.48
CA TYR C 56 -9.23 -2.38 -14.99
C TYR C 56 -8.56 -2.61 -16.35
N SER C 57 -8.64 -1.59 -17.21
CA SER C 57 -8.10 -1.66 -18.56
C SER C 57 -6.64 -2.10 -18.55
N GLY C 58 -6.32 -3.08 -19.41
CA GLY C 58 -4.97 -3.57 -19.52
C GLY C 58 -4.60 -4.69 -18.56
N VAL C 59 -5.43 -5.00 -17.58
CA VAL C 59 -5.11 -6.07 -16.63
C VAL C 59 -5.46 -7.41 -17.26
N PRO C 60 -4.59 -8.42 -17.17
CA PRO C 60 -4.88 -9.72 -17.81
C PRO C 60 -6.11 -10.41 -17.25
N SER C 61 -6.74 -11.23 -18.09
CA SER C 61 -8.01 -11.86 -17.75
C SER C 61 -7.91 -12.86 -16.61
N ARG C 62 -6.71 -13.32 -16.24
CA ARG C 62 -6.59 -14.27 -15.13
C ARG C 62 -6.93 -13.63 -13.78
N PHE C 63 -7.02 -12.31 -13.71
CA PHE C 63 -7.49 -11.65 -12.51
C PHE C 63 -9.00 -11.48 -12.57
N SER C 64 -9.68 -11.76 -11.46
CA SER C 64 -11.11 -11.48 -11.36
C SER C 64 -11.43 -11.13 -9.91
N GLY C 65 -12.52 -10.39 -9.72
CA GLY C 65 -13.00 -10.09 -8.39
C GLY C 65 -14.47 -10.42 -8.25
N SER C 66 -14.86 -10.79 -7.03
CA SER C 66 -16.27 -11.04 -6.76
C SER C 66 -16.63 -10.58 -5.35
N ARG C 67 -17.93 -10.38 -5.14
CA ARG C 67 -18.47 -10.08 -3.82
C ARG C 67 -19.46 -11.18 -3.45
N SER C 68 -19.41 -11.62 -2.19
CA SER C 68 -20.46 -12.46 -1.60
C SER C 68 -20.71 -11.91 -0.20
N GLY C 69 -21.79 -11.14 -0.05
CA GLY C 69 -22.06 -10.49 1.23
C GLY C 69 -20.99 -9.47 1.55
N THR C 70 -20.35 -9.63 2.70
CA THR C 70 -19.26 -8.74 3.10
C THR C 70 -17.89 -9.32 2.76
N ASP C 71 -17.84 -10.47 2.08
CA ASP C 71 -16.58 -11.04 1.61
C ASP C 71 -16.30 -10.58 0.18
N PHE C 72 -15.15 -9.96 -0.02
CA PHE C 72 -14.67 -9.59 -1.34
C PHE C 72 -13.44 -10.43 -1.66
N THR C 73 -13.42 -11.03 -2.87
CA THR C 73 -12.39 -12.01 -3.22
C THR C 73 -11.71 -11.64 -4.53
N LEU C 74 -10.38 -11.64 -4.51
CA LEU C 74 -9.57 -11.53 -5.71
C LEU C 74 -9.11 -12.93 -6.09
N THR C 75 -9.39 -13.35 -7.33
CA THR C 75 -8.94 -14.67 -7.79
C THR C 75 -7.93 -14.48 -8.92
N ILE C 76 -6.83 -15.23 -8.86
CA ILE C 76 -5.88 -15.34 -9.96
C ILE C 76 -5.98 -16.77 -10.47
N SER C 77 -6.47 -16.94 -11.70
CA SER C 77 -6.84 -18.28 -12.15
C SER C 77 -5.63 -19.17 -12.34
N SER C 78 -4.48 -18.58 -12.65
CA SER C 78 -3.25 -19.35 -12.84
C SER C 78 -2.10 -18.37 -12.67
N LEU C 79 -1.39 -18.45 -11.54
CA LEU C 79 -0.31 -17.50 -11.26
C LEU C 79 0.80 -17.58 -12.29
N GLN C 80 1.19 -16.42 -12.81
CA GLN C 80 2.32 -16.25 -13.72
C GLN C 80 3.48 -15.64 -12.96
N PRO C 81 4.72 -15.77 -13.47
CA PRO C 81 5.87 -15.25 -12.73
C PRO C 81 5.76 -13.79 -12.33
N GLU C 82 5.15 -12.96 -13.18
CA GLU C 82 5.04 -11.54 -12.89
C GLU C 82 3.97 -11.22 -11.87
N ASP C 83 3.23 -12.22 -11.38
CA ASP C 83 2.15 -11.98 -10.43
C ASP C 83 2.58 -12.11 -8.97
N PHE C 84 3.80 -12.58 -8.72
CA PHE C 84 4.28 -12.70 -7.35
C PHE C 84 4.59 -11.30 -6.83
N ALA C 85 3.82 -10.86 -5.85
CA ALA C 85 3.75 -9.47 -5.43
C ALA C 85 2.90 -9.41 -4.18
N THR C 86 2.71 -8.20 -3.65
CA THR C 86 1.76 -7.99 -2.56
C THR C 86 0.47 -7.41 -3.12
N TYR C 87 -0.65 -7.87 -2.58
CA TYR C 87 -1.96 -7.44 -3.02
C TYR C 87 -2.70 -6.78 -1.87
N TYR C 88 -3.40 -5.69 -2.19
CA TYR C 88 -4.16 -4.93 -1.20
C TYR C 88 -5.58 -4.75 -1.69
N CYS C 89 -6.55 -4.93 -0.80
CA CYS C 89 -7.91 -4.49 -1.06
C CYS C 89 -8.13 -3.11 -0.46
N GLN C 90 -9.15 -2.41 -0.97
CA GLN C 90 -9.48 -1.07 -0.52
C GLN C 90 -10.99 -0.95 -0.40
N GLN C 91 -11.47 -0.35 0.68
CA GLN C 91 -12.87 0.02 0.79
C GLN C 91 -13.00 1.53 0.89
N ASP C 92 -13.78 2.12 -0.02
CA ASP C 92 -14.00 3.56 -0.03
C ASP C 92 -15.37 3.80 0.55
N GLY C 93 -15.43 4.14 1.84
CA GLY C 93 -16.69 4.23 2.55
C GLY C 93 -17.28 5.64 2.55
N TRP C 94 -18.39 5.77 3.28
CA TRP C 94 -19.10 7.04 3.39
C TRP C 94 -18.20 8.14 3.94
N SER C 95 -17.37 7.80 4.92
CA SER C 95 -16.51 8.78 5.59
C SER C 95 -15.03 8.52 5.38
N LEU C 96 -14.62 7.27 5.23
CA LEU C 96 -13.23 6.88 5.33
C LEU C 96 -12.88 5.86 4.25
N ILE C 97 -11.64 5.90 3.81
CA ILE C 97 -11.04 4.86 2.99
C ILE C 97 -10.21 3.96 3.91
N THR C 98 -10.34 2.65 3.74
CA THR C 98 -9.61 1.65 4.52
C THR C 98 -8.92 0.69 3.56
N PHE C 99 -7.65 0.40 3.82
CA PHE C 99 -6.95 -0.63 3.07
C PHE C 99 -6.80 -1.88 3.92
N GLY C 100 -6.87 -3.04 3.28
CA GLY C 100 -6.50 -4.27 3.95
C GLY C 100 -5.01 -4.28 4.27
N GLN C 101 -4.64 -5.18 5.17
CA GLN C 101 -3.24 -5.22 5.60
C GLN C 101 -2.30 -5.76 4.53
N GLY C 102 -2.80 -6.33 3.45
CA GLY C 102 -1.97 -6.85 2.38
C GLY C 102 -1.76 -8.35 2.46
N THR C 103 -1.55 -8.97 1.31
CA THR C 103 -1.23 -10.39 1.19
C THR C 103 0.00 -10.51 0.30
N LYS C 104 1.11 -11.03 0.84
CA LYS C 104 2.29 -11.25 0.01
C LYS C 104 2.16 -12.62 -0.64
N VAL C 105 2.19 -12.66 -1.97
CA VAL C 105 2.14 -13.91 -2.72
C VAL C 105 3.57 -14.24 -3.14
N GLU C 106 4.14 -15.26 -2.50
CA GLU C 106 5.54 -15.64 -2.70
C GLU C 106 5.60 -16.95 -3.46
N ILE C 107 6.73 -17.20 -4.11
CA ILE C 107 6.82 -18.29 -5.06
C ILE C 107 7.48 -19.49 -4.39
N LYS C 108 6.89 -20.65 -4.60
CA LYS C 108 7.44 -21.89 -4.09
C LYS C 108 8.63 -22.32 -4.93
N ARG C 109 9.58 -22.98 -4.27
CA ARG C 109 10.67 -23.63 -4.96
C ARG C 109 11.02 -24.87 -4.15
N THR C 110 12.00 -25.63 -4.64
CA THR C 110 12.46 -26.80 -3.91
C THR C 110 13.09 -26.36 -2.59
N VAL C 111 12.93 -27.20 -1.57
CA VAL C 111 13.52 -26.91 -0.26
C VAL C 111 15.02 -26.74 -0.41
N ALA C 112 15.56 -25.69 0.21
CA ALA C 112 16.97 -25.35 0.12
C ALA C 112 17.51 -25.09 1.53
N ALA C 113 18.53 -25.84 1.92
CA ALA C 113 19.10 -25.71 3.26
C ALA C 113 19.87 -24.41 3.40
N PRO C 114 19.87 -23.80 4.59
CA PRO C 114 20.69 -22.61 4.81
C PRO C 114 22.16 -22.96 5.02
N SER C 115 23.01 -22.04 4.55
CA SER C 115 24.41 -22.01 4.97
C SER C 115 24.52 -21.11 6.18
N VAL C 116 25.11 -21.62 7.26
CA VAL C 116 25.10 -20.94 8.55
C VAL C 116 26.50 -20.41 8.87
N PHE C 117 26.59 -19.14 9.25
CA PHE C 117 27.85 -18.51 9.65
C PHE C 117 27.64 -17.74 10.94
N ILE C 118 28.68 -17.67 11.78
CA ILE C 118 28.65 -16.88 13.02
C ILE C 118 29.81 -15.89 13.03
N PHE C 119 29.53 -14.68 13.54
CA PHE C 119 30.49 -13.57 13.52
C PHE C 119 30.64 -13.01 14.93
N PRO C 120 31.83 -13.08 15.54
CA PRO C 120 32.04 -12.43 16.83
C PRO C 120 32.07 -10.92 16.69
N PRO C 121 31.90 -10.19 17.78
CA PRO C 121 32.05 -8.74 17.71
C PRO C 121 33.49 -8.32 17.48
N SER C 122 33.65 -7.13 16.91
CA SER C 122 34.95 -6.52 16.72
C SER C 122 35.45 -5.94 18.04
N ASP C 123 36.77 -5.94 18.21
CA ASP C 123 37.34 -5.28 19.38
C ASP C 123 36.95 -3.80 19.40
N SER C 124 36.82 -3.18 18.22
CA SER C 124 36.44 -1.78 18.15
C SER C 124 35.07 -1.55 18.78
N GLN C 125 34.11 -2.43 18.48
CA GLN C 125 32.76 -2.24 19.02
C GLN C 125 32.75 -2.33 20.54
N LEU C 126 33.55 -3.23 21.10
CA LEU C 126 33.56 -3.43 22.55
C LEU C 126 33.86 -2.12 23.30
N LYS C 127 34.62 -1.21 22.68
CA LYS C 127 34.82 0.11 23.27
C LYS C 127 33.53 0.91 23.40
N SER C 128 32.49 0.56 22.64
CA SER C 128 31.22 1.25 22.75
C SER C 128 30.37 0.76 23.92
N GLY C 129 30.86 -0.23 24.67
CA GLY C 129 30.12 -0.79 25.79
C GLY C 129 29.17 -1.90 25.43
N THR C 130 29.12 -2.31 24.16
CA THR C 130 28.18 -3.30 23.68
C THR C 130 28.88 -4.27 22.74
N ALA C 131 28.30 -5.46 22.63
CA ALA C 131 28.78 -6.53 21.77
C ALA C 131 27.62 -7.02 20.92
N SER C 132 27.80 -7.04 19.61
CA SER C 132 26.85 -7.64 18.69
C SER C 132 27.44 -8.95 18.19
N VAL C 133 26.72 -10.05 18.38
CA VAL C 133 27.08 -11.35 17.82
C VAL C 133 26.08 -11.65 16.73
N VAL C 134 26.56 -11.95 15.52
CA VAL C 134 25.67 -12.06 14.37
C VAL C 134 25.70 -13.50 13.87
N CYS C 135 24.52 -14.08 13.63
CA CYS C 135 24.36 -15.37 12.98
C CYS C 135 23.67 -15.16 11.64
N LEU C 136 24.24 -15.72 10.57
CA LEU C 136 23.70 -15.56 9.22
C LEU C 136 23.23 -16.90 8.71
N LEU C 137 21.98 -16.94 8.24
CA LEU C 137 21.42 -18.09 7.53
C LEU C 137 21.26 -17.69 6.08
N ASN C 138 22.03 -18.30 5.18
CA ASN C 138 22.13 -17.78 3.81
C ASN C 138 21.43 -18.68 2.81
N ASN C 139 20.56 -18.08 1.98
CA ASN C 139 19.99 -18.68 0.76
C ASN C 139 19.25 -19.99 1.05
N PHE C 140 18.14 -19.88 1.76
CA PHE C 140 17.36 -21.04 2.17
C PHE C 140 15.89 -20.87 1.76
N TYR C 141 15.17 -22.00 1.72
CA TYR C 141 13.75 -22.03 1.42
C TYR C 141 13.19 -23.27 2.10
N PRO C 142 12.01 -23.18 2.75
CA PRO C 142 11.11 -22.03 2.90
C PRO C 142 11.59 -21.05 3.95
N ARG C 143 10.80 -19.99 4.16
CA ARG C 143 11.19 -18.91 5.07
C ARG C 143 11.28 -19.39 6.50
N GLU C 144 10.44 -20.35 6.89
CA GLU C 144 10.36 -20.77 8.29
C GLU C 144 11.70 -21.34 8.74
N ALA C 145 12.21 -20.81 9.84
CA ALA C 145 13.48 -21.30 10.38
C ALA C 145 13.53 -20.95 11.87
N LYS C 146 14.16 -21.82 12.63
CA LYS C 146 14.28 -21.67 14.06
C LYS C 146 15.74 -21.39 14.38
N VAL C 147 16.00 -20.26 15.02
CA VAL C 147 17.34 -19.88 15.45
C VAL C 147 17.35 -19.82 16.97
N GLN C 148 18.33 -20.47 17.60
CA GLN C 148 18.46 -20.49 19.04
C GLN C 148 19.89 -20.14 19.44
N TRP C 149 20.04 -19.16 20.32
CA TRP C 149 21.34 -18.72 20.80
C TRP C 149 21.65 -19.35 22.14
N LYS C 150 22.88 -19.79 22.31
CA LYS C 150 23.35 -20.34 23.58
C LYS C 150 24.68 -19.69 23.93
N VAL C 151 24.81 -19.31 25.19
CA VAL C 151 26.01 -18.65 25.70
C VAL C 151 26.49 -19.49 26.87
N ASP C 152 27.64 -20.15 26.71
CA ASP C 152 28.10 -21.19 27.63
C ASP C 152 26.97 -22.19 27.88
N ASN C 153 26.33 -22.59 26.77
CA ASN C 153 25.21 -23.53 26.71
C ASN C 153 23.99 -23.06 27.50
N ALA C 154 23.91 -21.77 27.83
CA ALA C 154 22.69 -21.20 28.40
C ALA C 154 21.85 -20.61 27.27
N LEU C 155 20.62 -21.10 27.14
CA LEU C 155 19.71 -20.58 26.12
C LEU C 155 19.37 -19.12 26.40
N GLN C 156 19.47 -18.30 25.37
CA GLN C 156 19.19 -16.87 25.45
C GLN C 156 17.76 -16.59 25.03
N SER C 157 17.14 -15.62 25.71
CA SER C 157 15.79 -15.21 25.39
C SER C 157 15.67 -13.71 25.57
N GLY C 158 15.07 -13.04 24.58
CA GLY C 158 14.76 -11.63 24.70
C GLY C 158 15.88 -10.67 24.35
N ASN C 159 17.06 -11.18 23.98
CA ASN C 159 18.19 -10.33 23.65
C ASN C 159 18.68 -10.55 22.21
N SER C 160 17.77 -10.93 21.32
CA SER C 160 18.15 -11.11 19.92
C SER C 160 17.09 -10.46 19.02
N GLN C 161 17.54 -10.02 17.83
CA GLN C 161 16.67 -9.42 16.82
C GLN C 161 16.99 -10.04 15.48
N GLU C 162 15.97 -10.34 14.70
CA GLU C 162 16.11 -10.95 13.40
C GLU C 162 15.69 -9.99 12.29
N SER C 163 16.31 -10.18 11.13
CA SER C 163 15.94 -9.47 9.90
C SER C 163 16.01 -10.46 8.75
N VAL C 164 15.07 -10.36 7.81
CA VAL C 164 14.96 -11.31 6.71
C VAL C 164 14.90 -10.53 5.39
N THR C 165 15.60 -11.03 4.38
CA THR C 165 15.54 -10.39 3.08
C THR C 165 14.25 -10.72 2.35
N GLU C 166 13.94 -9.90 1.35
CA GLU C 166 12.88 -10.23 0.41
C GLU C 166 13.32 -11.44 -0.40
N GLN C 167 12.33 -12.20 -0.89
CA GLN C 167 12.63 -13.38 -1.68
C GLN C 167 13.47 -13.00 -2.90
N ASP C 168 14.54 -13.74 -3.14
CA ASP C 168 15.46 -13.40 -4.22
C ASP C 168 14.79 -13.54 -5.58
N SER C 169 14.97 -12.53 -6.43
CA SER C 169 14.32 -12.49 -7.74
C SER C 169 14.84 -13.56 -8.69
N LYS C 170 16.02 -14.11 -8.43
CA LYS C 170 16.61 -15.10 -9.33
C LYS C 170 16.49 -16.53 -8.81
N ASP C 171 16.83 -16.79 -7.54
CA ASP C 171 16.80 -18.15 -7.03
C ASP C 171 15.70 -18.41 -6.00
N SER C 172 14.90 -17.39 -5.67
CA SER C 172 13.70 -17.54 -4.85
C SER C 172 14.01 -17.96 -3.41
N THR C 173 15.23 -17.72 -2.94
CA THR C 173 15.60 -18.03 -1.57
C THR C 173 15.48 -16.78 -0.69
N TYR C 174 15.59 -17.02 0.62
CA TYR C 174 15.66 -16.01 1.66
C TYR C 174 17.02 -16.11 2.35
N SER C 175 17.39 -15.02 3.01
CA SER C 175 18.51 -15.03 3.93
C SER C 175 18.07 -14.33 5.19
N LEU C 176 18.65 -14.73 6.32
CA LEU C 176 18.21 -14.22 7.61
C LEU C 176 19.41 -13.92 8.49
N SER C 177 19.36 -12.82 9.22
CA SER C 177 20.34 -12.53 10.26
C SER C 177 19.65 -12.60 11.61
N SER C 178 20.34 -13.17 12.59
CA SER C 178 19.93 -13.05 13.97
C SER C 178 21.08 -12.41 14.74
N THR C 179 20.79 -11.32 15.45
CA THR C 179 21.83 -10.56 16.14
C THR C 179 21.58 -10.61 17.63
N LEU C 180 22.55 -11.15 18.37
CA LEU C 180 22.53 -11.24 19.82
C LEU C 180 23.29 -10.05 20.39
N THR C 181 22.69 -9.32 21.33
CA THR C 181 23.32 -8.15 21.93
C THR C 181 23.57 -8.38 23.42
N LEU C 182 24.82 -8.16 23.84
CA LEU C 182 25.23 -8.21 25.25
C LEU C 182 26.02 -6.95 25.57
N SER C 183 26.02 -6.58 26.84
CA SER C 183 26.97 -5.56 27.28
C SER C 183 28.38 -6.11 27.12
N LYS C 184 29.35 -5.20 26.95
CA LYS C 184 30.75 -5.61 26.89
C LYS C 184 31.15 -6.44 28.10
N ALA C 185 30.72 -6.02 29.29
CA ALA C 185 31.10 -6.76 30.49
C ALA C 185 30.49 -8.15 30.51
N ASP C 186 29.25 -8.28 30.04
CA ASP C 186 28.61 -9.59 29.99
C ASP C 186 29.25 -10.47 28.93
N TYR C 187 29.56 -9.89 27.76
CA TYR C 187 30.24 -10.64 26.71
C TYR C 187 31.56 -11.23 27.20
N GLU C 188 32.36 -10.42 27.89
CA GLU C 188 33.66 -10.86 28.37
C GLU C 188 33.57 -11.89 29.48
N LYS C 189 32.39 -12.08 30.08
CA LYS C 189 32.22 -13.04 31.15
C LYS C 189 32.00 -14.46 30.67
N HIS C 190 31.83 -14.67 29.37
CA HIS C 190 31.46 -15.95 28.81
C HIS C 190 32.39 -16.32 27.65
N LYS C 191 32.53 -17.63 27.42
CA LYS C 191 33.49 -18.15 26.46
C LYS C 191 32.85 -18.66 25.17
N VAL C 192 31.86 -19.53 25.26
CA VAL C 192 31.30 -20.22 24.08
C VAL C 192 30.02 -19.51 23.65
N TYR C 193 30.01 -19.03 22.39
CA TYR C 193 28.85 -18.42 21.77
C TYR C 193 28.40 -19.31 20.63
N ALA C 194 27.12 -19.72 20.65
CA ALA C 194 26.65 -20.71 19.67
C ALA C 194 25.30 -20.32 19.10
N CYS C 195 25.15 -20.50 17.79
CA CYS C 195 23.90 -20.28 17.07
C CYS C 195 23.44 -21.63 16.53
N GLU C 196 22.27 -22.09 16.94
CA GLU C 196 21.75 -23.36 16.46
C GLU C 196 20.54 -23.12 15.56
N VAL C 197 20.55 -23.76 14.39
CA VAL C 197 19.59 -23.50 13.32
C VAL C 197 18.82 -24.78 13.00
N THR C 198 17.49 -24.70 13.02
CA THR C 198 16.63 -25.80 12.61
C THR C 198 15.87 -25.37 11.37
N HIS C 199 15.90 -26.21 10.33
CA HIS C 199 15.26 -25.85 9.07
C HIS C 199 14.95 -27.13 8.32
N GLN C 200 13.87 -27.07 7.52
CA GLN C 200 13.39 -28.26 6.81
C GLN C 200 14.47 -28.87 5.92
N GLY C 201 15.36 -28.05 5.37
CA GLY C 201 16.38 -28.55 4.48
C GLY C 201 17.54 -29.26 5.14
N LEU C 202 17.65 -29.18 6.47
CA LEU C 202 18.72 -29.81 7.20
C LEU C 202 18.22 -31.13 7.79
N SER C 203 19.03 -32.17 7.65
CA SER C 203 18.65 -33.47 8.21
C SER C 203 18.67 -33.45 9.73
N SER C 204 19.48 -32.57 10.33
CA SER C 204 19.50 -32.36 11.77
C SER C 204 19.87 -30.89 12.00
N PRO C 205 19.61 -30.37 13.20
CA PRO C 205 19.98 -28.98 13.47
C PRO C 205 21.49 -28.78 13.31
N VAL C 206 21.86 -27.58 12.87
CA VAL C 206 23.26 -27.21 12.67
C VAL C 206 23.63 -26.16 13.72
N THR C 207 24.76 -26.35 14.38
CA THR C 207 25.28 -25.38 15.34
C THR C 207 26.58 -24.79 14.83
N LYS C 208 26.65 -23.47 14.80
CA LYS C 208 27.90 -22.77 14.54
C LYS C 208 28.30 -22.01 15.78
N SER C 209 29.59 -22.06 16.14
CA SER C 209 30.00 -21.51 17.42
C SER C 209 31.43 -21.00 17.37
N PHE C 210 31.78 -20.17 18.35
CA PHE C 210 33.17 -19.78 18.57
C PHE C 210 33.47 -19.70 20.06
N ASN C 211 34.76 -19.75 20.38
CA ASN C 211 35.28 -19.52 21.72
C ASN C 211 35.71 -18.06 21.89
N ARG C 212 35.86 -17.66 23.16
CA ARG C 212 36.19 -16.28 23.53
C ARG C 212 35.06 -15.32 23.14
#